data_3X1W
#
_entry.id   3X1W
#
_cell.length_a   43.529
_cell.length_b   52.433
_cell.length_c   60.548
_cell.angle_alpha   90.00
_cell.angle_beta   90.00
_cell.angle_gamma   90.00
#
_symmetry.space_group_name_H-M   'P 21 21 21'
#
loop_
_entity.id
_entity.type
_entity.pdbx_description
1 polymer 'Ras-related protein Rap-1b'
2 non-polymer "GUANOSINE-5'-DIPHOSPHATE"
3 non-polymer 'MAGNESIUM ION'
4 non-polymer 'CADMIUM ION'
5 water water
#
_entity_poly.entity_id   1
_entity_poly.type   'polypeptide(L)'
_entity_poly.pdbx_seq_one_letter_code
;MREYKLVVLGSGGVGKSALTVQFVQGIFVEKYDPTIEDSYRKQVEVDAQQCMLEILDTAGTEQFTAMRDLYMKNGQGFAL
VYSITAQSTFNDLQDLREQILRVKDTDDVPMILVGNKCDLEDERVVGKEQGQNLARQWSNCAFLESSAKSKINVNEIFYD
LVRQINR
;
_entity_poly.pdbx_strand_id   A
#
# COMPACT_ATOMS: atom_id res chain seq x y z
N MET A 1 20.55 -7.71 -9.99
CA MET A 1 19.94 -6.81 -9.04
C MET A 1 18.85 -7.50 -8.22
N ARG A 2 18.80 -7.21 -6.92
CA ARG A 2 17.75 -7.78 -6.08
C ARG A 2 16.37 -7.29 -6.50
N GLU A 3 15.43 -8.22 -6.61
CA GLU A 3 14.06 -7.90 -6.99
C GLU A 3 13.13 -7.99 -5.78
N TYR A 4 12.21 -7.04 -5.68
CA TYR A 4 11.25 -6.97 -4.60
C TYR A 4 9.86 -7.04 -5.17
N LYS A 5 9.06 -7.99 -4.69
CA LYS A 5 7.69 -8.16 -5.15
C LYS A 5 6.75 -7.53 -4.13
N LEU A 6 6.23 -6.36 -4.47
CA LEU A 6 5.39 -5.60 -3.57
C LEU A 6 3.93 -5.73 -4.01
N VAL A 7 3.01 -5.66 -3.05
CA VAL A 7 1.59 -5.77 -3.35
C VAL A 7 0.86 -4.64 -2.66
N VAL A 8 0.03 -3.94 -3.42
CA VAL A 8 -0.75 -2.82 -2.89
C VAL A 8 -2.20 -3.27 -2.70
N LEU A 9 -2.68 -3.17 -1.47
CA LEU A 9 -3.99 -3.66 -1.06
C LEU A 9 -4.82 -2.55 -0.45
N GLY A 10 -6.12 -2.78 -0.40
CA GLY A 10 -7.03 -1.85 0.22
C GLY A 10 -8.36 -1.84 -0.49
N SER A 11 -9.35 -1.23 0.14
CA SER A 11 -10.67 -1.17 -0.42
C SER A 11 -10.73 -0.29 -1.66
N GLY A 12 -11.84 -0.37 -2.37
CA GLY A 12 -11.97 0.37 -3.60
C GLY A 12 -11.95 1.87 -3.38
N GLY A 13 -11.29 2.56 -4.30
CA GLY A 13 -11.34 4.00 -4.38
C GLY A 13 -10.40 4.76 -3.47
N VAL A 14 -9.49 4.05 -2.78
CA VAL A 14 -8.60 4.71 -1.82
C VAL A 14 -7.37 5.33 -2.48
N GLY A 15 -7.09 4.93 -3.73
CA GLY A 15 -5.94 5.44 -4.46
C GLY A 15 -4.82 4.45 -4.64
N LYS A 16 -5.12 3.15 -4.63
CA LYS A 16 -4.08 2.16 -4.89
C LYS A 16 -3.46 2.35 -6.27
N SER A 17 -4.31 2.45 -7.28
CA SER A 17 -3.82 2.65 -8.63
C SER A 17 -3.13 4.01 -8.78
N ALA A 18 -3.71 5.05 -8.18
CA ALA A 18 -3.14 6.37 -8.29
C ALA A 18 -1.73 6.43 -7.68
N LEU A 19 -1.56 5.79 -6.52
CA LEU A 19 -0.26 5.79 -5.86
C LEU A 19 0.77 4.98 -6.66
N THR A 20 0.34 3.82 -7.15
CA THR A 20 1.22 2.96 -7.91
C THR A 20 1.68 3.65 -9.18
N VAL A 21 0.74 4.26 -9.91
CA VAL A 21 1.08 4.91 -11.17
C VAL A 21 1.89 6.18 -10.96
N GLN A 22 1.56 6.95 -9.91
CA GLN A 22 2.38 8.12 -9.59
C GLN A 22 3.80 7.69 -9.30
N PHE A 23 3.97 6.65 -8.48
CA PHE A 23 5.32 6.17 -8.19
C PHE A 23 6.08 5.69 -9.43
N VAL A 24 5.45 4.80 -10.18
CA VAL A 24 6.14 4.11 -11.26
C VAL A 24 6.29 4.99 -12.52
N GLN A 25 5.26 5.76 -12.83
CA GLN A 25 5.22 6.52 -14.07
C GLN A 25 5.30 8.03 -13.90
N GLY A 26 5.14 8.52 -12.68
CA GLY A 26 5.29 9.94 -12.42
C GLY A 26 4.13 10.82 -12.88
N ILE A 27 2.98 10.20 -13.07
CA ILE A 27 1.79 10.95 -13.47
C ILE A 27 0.60 10.58 -12.57
N PHE A 28 -0.34 11.50 -12.45
CA PHE A 28 -1.55 11.27 -11.67
C PHE A 28 -2.70 10.81 -12.56
N VAL A 29 -3.29 9.65 -12.25
CA VAL A 29 -4.29 9.01 -13.11
C VAL A 29 -5.57 9.79 -13.35
N GLU A 30 -5.87 10.76 -12.47
CA GLU A 30 -7.15 11.46 -12.47
C GLU A 30 -8.16 10.31 -12.44
N LYS A 31 -9.01 10.21 -13.47
CA LYS A 31 -10.15 9.32 -13.44
C LYS A 31 -9.83 7.95 -14.02
N TYR A 32 -8.65 7.79 -14.63
CA TYR A 32 -8.22 6.50 -15.14
C TYR A 32 -8.22 5.34 -14.07
N ASP A 33 -8.88 4.27 -14.38
CA ASP A 33 -9.27 3.25 -13.47
C ASP A 33 -8.89 1.96 -14.18
N PRO A 34 -7.57 1.51 -14.03
CA PRO A 34 -7.10 0.24 -14.57
C PRO A 34 -7.98 -1.01 -14.38
N THR A 35 -8.68 -1.18 -13.16
CA THR A 35 -9.30 -2.52 -12.93
C THR A 35 -8.87 -3.84 -13.72
N ILE A 36 -7.60 -4.08 -14.67
CA ILE A 36 -6.77 -5.26 -14.70
C ILE A 36 -5.95 -5.18 -13.36
N GLU A 37 -5.54 -6.19 -12.68
CA GLU A 37 -4.55 -6.19 -11.63
C GLU A 37 -3.15 -6.41 -12.19
N ASP A 38 -2.56 -5.31 -12.56
CA ASP A 38 -1.34 -5.37 -13.27
C ASP A 38 -0.17 -5.22 -12.33
N SER A 39 0.97 -5.58 -12.87
CA SER A 39 2.22 -5.36 -12.16
C SER A 39 2.95 -4.24 -12.87
N TYR A 40 3.64 -3.43 -12.08
CA TYR A 40 4.33 -2.25 -12.59
C TYR A 40 5.76 -2.34 -12.11
N ARG A 41 6.72 -1.97 -12.95
CA ARG A 41 8.12 -2.10 -12.60
C ARG A 41 8.86 -0.77 -12.54
N LYS A 42 9.76 -0.66 -11.58
CA LYS A 42 10.60 0.53 -11.45
C LYS A 42 11.84 0.16 -10.68
N GLN A 43 12.99 0.64 -11.16
CA GLN A 43 14.24 0.44 -10.46
C GLN A 43 14.55 1.69 -9.65
N VAL A 44 14.97 1.48 -8.41
CA VAL A 44 15.29 2.58 -7.51
C VAL A 44 16.52 2.28 -6.68
N GLU A 45 17.01 3.29 -5.97
CA GLU A 45 18.06 3.07 -5.00
C GLU A 45 17.48 3.44 -3.64
N VAL A 46 17.58 2.52 -2.70
CA VAL A 46 17.12 2.78 -1.35
C VAL A 46 18.30 2.54 -0.42
N ASP A 47 18.73 3.60 0.26
CA ASP A 47 19.83 3.52 1.21
C ASP A 47 21.09 2.92 0.56
N ALA A 48 21.40 3.42 -0.63
CA ALA A 48 22.61 3.04 -1.35
C ALA A 48 22.63 1.58 -1.80
N GLN A 49 21.44 1.02 -2.00
CA GLN A 49 21.32 -0.32 -2.57
C GLN A 49 20.37 -0.27 -3.77
N GLN A 50 20.79 -0.86 -4.89
CA GLN A 50 19.94 -0.94 -6.08
C GLN A 50 18.81 -1.94 -5.85
N CYS A 51 17.60 -1.54 -6.21
CA CYS A 51 16.43 -2.38 -6.02
C CYS A 51 15.60 -2.37 -7.27
N MET A 52 15.22 -3.55 -7.75
CA MET A 52 14.24 -3.63 -8.82
C MET A 52 12.87 -3.96 -8.24
N LEU A 53 11.92 -3.03 -8.37
CA LEU A 53 10.61 -3.24 -7.74
C LEU A 53 9.57 -3.69 -8.74
N GLU A 54 8.80 -4.70 -8.38
CA GLU A 54 7.62 -5.07 -9.13
C GLU A 54 6.43 -4.90 -8.22
N ILE A 55 5.49 -4.05 -8.62
CA ILE A 55 4.39 -3.68 -7.74
C ILE A 55 3.07 -4.16 -8.33
N LEU A 56 2.39 -5.01 -7.58
CA LEU A 56 1.09 -5.52 -8.01
C LEU A 56 0.00 -4.60 -7.47
N ASP A 57 -0.75 -3.99 -8.37
CA ASP A 57 -1.85 -3.12 -8.02
C ASP A 57 -3.14 -3.92 -8.09
N THR A 58 -3.67 -4.26 -6.91
CA THR A 58 -4.81 -5.18 -6.84
C THR A 58 -6.14 -4.45 -6.95
N ALA A 59 -7.19 -5.19 -7.27
CA ALA A 59 -8.53 -4.61 -7.25
C ALA A 59 -8.93 -4.44 -5.79
N GLY A 60 -9.93 -3.60 -5.54
CA GLY A 60 -10.42 -3.39 -4.20
C GLY A 60 -10.78 -4.70 -3.52
N THR A 61 -10.66 -4.73 -2.19
CA THR A 61 -10.96 -5.93 -1.41
C THR A 61 -12.37 -6.41 -1.70
N GLU A 62 -13.25 -5.47 -2.04
CA GLU A 62 -14.64 -5.80 -2.34
C GLU A 62 -14.82 -6.65 -3.59
N GLN A 63 -13.89 -6.55 -4.52
CA GLN A 63 -14.11 -7.07 -5.87
C GLN A 63 -13.55 -8.48 -6.11
N PHE A 64 -14.10 -9.16 -7.10
CA PHE A 64 -13.71 -10.52 -7.47
C PHE A 64 -12.31 -10.59 -8.03
N THR A 65 -11.53 -11.51 -7.48
CA THR A 65 -10.27 -11.92 -8.09
C THR A 65 -9.88 -13.26 -7.48
N ALA A 66 -9.63 -14.23 -8.34
CA ALA A 66 -9.39 -15.60 -7.92
C ALA A 66 -7.96 -15.81 -7.44
N MET A 67 -7.23 -14.72 -7.30
CA MET A 67 -5.79 -14.78 -7.09
C MET A 67 -5.32 -14.21 -5.75
N ARG A 68 -6.26 -13.81 -4.90
CA ARG A 68 -5.92 -13.10 -3.68
C ARG A 68 -5.00 -13.85 -2.72
N ASP A 69 -5.34 -15.09 -2.40
CA ASP A 69 -4.51 -15.87 -1.48
C ASP A 69 -3.11 -16.12 -2.07
N LEU A 70 -3.05 -16.31 -3.39
CA LEU A 70 -1.78 -16.42 -4.09
C LEU A 70 -0.97 -15.11 -3.98
N TYR A 71 -1.64 -13.99 -4.23
CA TYR A 71 -1.01 -12.68 -4.09
C TYR A 71 -0.45 -12.50 -2.68
N MET A 72 -1.22 -12.95 -1.69
CA MET A 72 -0.81 -12.76 -0.31
C MET A 72 0.34 -13.69 0.10
N LYS A 73 0.32 -14.91 -0.40
CA LYS A 73 1.38 -15.87 -0.08
C LYS A 73 2.70 -15.45 -0.70
N ASN A 74 2.62 -14.95 -1.94
CA ASN A 74 3.83 -14.67 -2.70
C ASN A 74 4.38 -13.26 -2.54
N GLY A 75 3.53 -12.31 -2.14
CA GLY A 75 4.00 -10.95 -1.92
C GLY A 75 5.09 -10.91 -0.87
N GLN A 76 6.16 -10.15 -1.12
CA GLN A 76 7.21 -9.97 -0.13
C GLN A 76 6.91 -8.84 0.85
N GLY A 77 6.15 -7.85 0.42
CA GLY A 77 5.77 -6.76 1.30
C GLY A 77 4.48 -6.16 0.81
N PHE A 78 3.72 -5.59 1.73
CA PHE A 78 2.36 -5.12 1.44
C PHE A 78 2.16 -3.69 1.87
N ALA A 79 1.62 -2.88 0.97
CA ALA A 79 1.13 -1.55 1.35
C ALA A 79 -0.36 -1.68 1.55
N LEU A 80 -0.81 -1.37 2.77
CA LEU A 80 -2.24 -1.43 3.09
C LEU A 80 -2.74 -0.01 3.12
N VAL A 81 -3.53 0.34 2.12
CA VAL A 81 -3.91 1.72 1.86
C VAL A 81 -5.36 1.97 2.23
N TYR A 82 -5.59 3.05 2.97
CA TYR A 82 -6.94 3.55 3.19
C TYR A 82 -7.00 5.00 2.76
N SER A 83 -8.21 5.57 2.75
CA SER A 83 -8.35 7.00 2.53
C SER A 83 -8.69 7.67 3.85
N ILE A 84 -8.01 8.77 4.14
CA ILE A 84 -8.30 9.50 5.36
C ILE A 84 -9.72 10.09 5.38
N THR A 85 -10.40 10.06 4.23
CA THR A 85 -11.74 10.63 4.12
C THR A 85 -12.85 9.59 4.20
N ALA A 86 -12.50 8.34 4.51
CA ALA A 86 -13.53 7.30 4.61
C ALA A 86 -13.18 6.25 5.67
N GLN A 87 -13.87 6.32 6.81
CA GLN A 87 -13.58 5.43 7.93
C GLN A 87 -13.69 3.97 7.55
N SER A 88 -14.66 3.63 6.71
CA SER A 88 -14.84 2.23 6.29
C SER A 88 -13.56 1.66 5.69
N THR A 89 -12.85 2.48 4.91
CA THR A 89 -11.67 1.97 4.22
C THR A 89 -10.53 1.67 5.19
N PHE A 90 -10.47 2.45 6.26
CA PHE A 90 -9.52 2.24 7.35
C PHE A 90 -9.85 0.96 8.11
N ASN A 91 -11.12 0.82 8.53
CA ASN A 91 -11.49 -0.35 9.29
C ASN A 91 -11.40 -1.63 8.50
N ASP A 92 -11.62 -1.53 7.19
CA ASP A 92 -11.49 -2.68 6.29
C ASP A 92 -10.09 -3.29 6.34
N LEU A 93 -9.08 -2.48 6.66
CA LEU A 93 -7.71 -2.97 6.65
C LEU A 93 -7.44 -4.02 7.73
N GLN A 94 -8.20 -4.00 8.81
CA GLN A 94 -7.96 -4.96 9.87
C GLN A 94 -8.18 -6.40 9.37
N ASP A 95 -9.27 -6.63 8.67
CA ASP A 95 -9.52 -7.95 8.09
C ASP A 95 -8.51 -8.31 7.01
N LEU A 96 -8.08 -7.35 6.19
CA LEU A 96 -7.11 -7.72 5.17
C LEU A 96 -5.74 -8.07 5.78
N ARG A 97 -5.31 -7.35 6.82
CA ARG A 97 -4.08 -7.72 7.52
C ARG A 97 -4.19 -9.13 8.09
N GLU A 98 -5.33 -9.44 8.70
CA GLU A 98 -5.51 -10.78 9.28
C GLU A 98 -5.45 -11.87 8.21
N GLN A 99 -5.96 -11.57 7.02
CA GLN A 99 -5.94 -12.53 5.93
C GLN A 99 -4.50 -12.82 5.50
N ILE A 100 -3.69 -11.77 5.43
CA ILE A 100 -2.28 -11.92 5.07
C ILE A 100 -1.56 -12.79 6.11
N LEU A 101 -1.76 -12.45 7.38
CA LEU A 101 -1.13 -13.18 8.48
C LEU A 101 -1.55 -14.64 8.47
N ARG A 102 -2.81 -14.90 8.13
CA ARG A 102 -3.33 -16.26 8.05
C ARG A 102 -2.62 -17.05 6.95
N VAL A 103 -2.54 -16.44 5.77
CA VAL A 103 -1.90 -17.06 4.61
C VAL A 103 -0.41 -17.30 4.85
N LYS A 104 0.27 -16.32 5.44
CA LYS A 104 1.70 -16.40 5.71
C LYS A 104 1.99 -17.29 6.91
N ASP A 105 0.97 -17.50 7.73
CA ASP A 105 1.10 -18.21 9.01
C ASP A 105 2.21 -17.63 9.90
N THR A 106 2.35 -16.32 9.87
CA THR A 106 3.26 -15.63 10.76
C THR A 106 2.83 -14.17 10.92
N ASP A 107 3.25 -13.56 12.02
CA ASP A 107 2.92 -12.16 12.28
C ASP A 107 4.00 -11.23 11.70
N ASP A 108 5.16 -11.79 11.40
CA ASP A 108 6.26 -10.97 10.91
C ASP A 108 6.26 -10.89 9.39
N VAL A 109 5.47 -9.96 8.88
CA VAL A 109 5.31 -9.77 7.45
C VAL A 109 5.55 -8.30 7.14
N PRO A 110 6.48 -8.01 6.20
CA PRO A 110 6.75 -6.61 5.87
C PRO A 110 5.50 -5.90 5.37
N MET A 111 5.16 -4.76 5.96
CA MET A 111 3.91 -4.07 5.70
C MET A 111 4.09 -2.60 6.00
N ILE A 112 3.39 -1.76 5.26
CA ILE A 112 3.26 -0.36 5.61
C ILE A 112 1.80 0.07 5.55
N LEU A 113 1.36 0.75 6.60
CA LEU A 113 0.02 1.32 6.65
C LEU A 113 0.06 2.73 6.05
N VAL A 114 -0.82 3.00 5.09
CA VAL A 114 -0.83 4.25 4.34
C VAL A 114 -2.19 4.91 4.33
N GLY A 115 -2.26 6.10 4.91
CA GLY A 115 -3.45 6.92 4.88
C GLY A 115 -3.34 7.88 3.70
N ASN A 116 -3.97 7.51 2.58
CA ASN A 116 -3.89 8.32 1.38
C ASN A 116 -4.92 9.48 1.35
N LYS A 117 -4.69 10.41 0.41
CA LYS A 117 -5.54 11.58 0.17
C LYS A 117 -5.37 12.67 1.23
N CYS A 118 -4.13 12.88 1.66
CA CYS A 118 -3.88 13.91 2.67
C CYS A 118 -4.19 15.31 2.14
N ASP A 119 -4.25 15.48 0.82
CA ASP A 119 -4.63 16.76 0.24
C ASP A 119 -6.11 17.08 0.49
N LEU A 120 -6.89 16.06 0.84
CA LEU A 120 -8.30 16.25 1.23
C LEU A 120 -8.45 16.37 2.74
N GLU A 121 -7.51 17.04 3.39
CA GLU A 121 -7.56 17.28 4.83
C GLU A 121 -8.91 17.85 5.30
N ASP A 122 -9.51 18.70 4.49
CA ASP A 122 -10.80 19.30 4.82
C ASP A 122 -11.91 18.28 4.99
N GLU A 123 -11.76 17.15 4.29
CA GLU A 123 -12.73 16.07 4.32
C GLU A 123 -12.26 14.90 5.18
N ARG A 124 -11.25 15.12 6.01
CA ARG A 124 -10.72 14.03 6.83
C ARG A 124 -11.75 13.52 7.82
N VAL A 125 -11.86 12.19 7.92
CA VAL A 125 -12.67 11.56 8.96
C VAL A 125 -11.88 10.54 9.78
N VAL A 126 -10.69 10.15 9.29
CA VAL A 126 -9.82 9.27 10.04
C VAL A 126 -8.65 10.06 10.60
N GLY A 127 -8.53 10.08 11.93
CA GLY A 127 -7.46 10.82 12.57
C GLY A 127 -6.09 10.25 12.27
N LYS A 128 -5.09 11.12 12.20
CA LYS A 128 -3.73 10.64 12.04
C LYS A 128 -3.32 9.77 13.23
N GLU A 129 -3.73 10.17 14.42
CA GLU A 129 -3.49 9.34 15.61
C GLU A 129 -4.13 7.95 15.49
N GLN A 130 -5.30 7.86 14.84
CA GLN A 130 -5.95 6.57 14.67
C GLN A 130 -5.08 5.65 13.82
N GLY A 131 -4.50 6.21 12.76
CA GLY A 131 -3.61 5.45 11.91
C GLY A 131 -2.37 5.03 12.68
N GLN A 132 -1.79 5.98 13.42
CA GLN A 132 -0.61 5.68 14.22
C GLN A 132 -0.93 4.58 15.21
N ASN A 133 -2.15 4.63 15.74
CA ASN A 133 -2.56 3.66 16.73
C ASN A 133 -2.74 2.27 16.14
N LEU A 134 -3.31 2.17 14.94
CA LEU A 134 -3.47 0.88 14.28
C LEU A 134 -2.10 0.26 13.98
N ALA A 135 -1.18 1.05 13.45
CA ALA A 135 0.16 0.53 13.19
C ALA A 135 0.79 0.02 14.48
N ARG A 136 0.59 0.75 15.58
CA ARG A 136 1.07 0.32 16.88
C ARG A 136 0.50 -1.05 17.29
N GLN A 137 -0.79 -1.27 17.06
CA GLN A 137 -1.42 -2.53 17.43
C GLN A 137 -0.88 -3.69 16.62
N TRP A 138 -0.42 -3.37 15.42
CA TRP A 138 0.17 -4.36 14.53
C TRP A 138 1.65 -4.56 14.84
N SER A 139 2.16 -3.85 15.84
CA SER A 139 3.59 -3.80 16.12
C SER A 139 4.38 -3.47 14.86
N ASN A 140 3.83 -2.55 14.07
CA ASN A 140 4.43 -2.19 12.79
C ASN A 140 5.03 -0.82 12.90
N CYS A 141 6.20 -0.82 12.51
CA CYS A 141 6.91 0.38 12.90
C CYS A 141 7.03 1.42 11.80
N ALA A 142 6.15 1.23 10.70
CA ALA A 142 6.02 2.08 9.52
C ALA A 142 4.59 2.53 9.24
N PHE A 143 4.38 3.84 9.27
CA PHE A 143 3.08 4.45 8.99
C PHE A 143 3.29 5.79 8.31
N LEU A 144 2.52 6.04 7.24
CA LEU A 144 2.63 7.27 6.47
C LEU A 144 1.24 7.73 6.07
N GLU A 145 1.08 9.04 5.98
CA GLU A 145 -0.01 9.61 5.19
C GLU A 145 0.55 10.15 3.89
N SER A 146 -0.21 10.03 2.81
CA SER A 146 0.29 10.33 1.48
C SER A 146 -0.75 11.07 0.65
N SER A 147 -0.31 11.58 -0.49
CA SER A 147 -1.22 12.07 -1.52
C SER A 147 -0.69 11.74 -2.89
N ALA A 148 -1.42 10.91 -3.63
CA ALA A 148 -1.06 10.58 -4.99
C ALA A 148 -1.22 11.81 -5.87
N LYS A 149 -2.14 12.68 -5.49
CA LYS A 149 -2.44 13.87 -6.27
C LYS A 149 -1.39 14.95 -6.09
N SER A 150 -1.02 15.23 -4.84
CA SER A 150 -0.02 16.25 -4.53
C SER A 150 1.41 15.73 -4.52
N LYS A 151 1.57 14.43 -4.77
CA LYS A 151 2.87 13.75 -4.74
C LYS A 151 3.57 13.91 -3.38
N ILE A 152 2.85 13.64 -2.30
CA ILE A 152 3.43 13.71 -0.96
C ILE A 152 3.60 12.29 -0.46
N ASN A 153 4.82 11.94 -0.09
CA ASN A 153 5.15 10.61 0.44
C ASN A 153 4.87 9.44 -0.49
N VAL A 154 4.76 9.69 -1.79
CA VAL A 154 4.49 8.59 -2.71
C VAL A 154 5.69 7.66 -2.83
N ASN A 155 6.86 8.22 -3.13
CA ASN A 155 8.05 7.41 -3.24
C ASN A 155 8.31 6.73 -1.90
N GLU A 156 8.06 7.48 -0.83
CA GLU A 156 8.43 7.02 0.50
C GLU A 156 7.65 5.76 0.92
N ILE A 157 6.42 5.61 0.44
CA ILE A 157 5.66 4.39 0.70
C ILE A 157 6.46 3.16 0.29
N PHE A 158 6.98 3.22 -0.93
CA PHE A 158 7.65 2.08 -1.51
C PHE A 158 9.07 1.92 -0.99
N TYR A 159 9.76 3.04 -0.77
CA TYR A 159 11.08 2.97 -0.16
C TYR A 159 10.97 2.38 1.25
N ASP A 160 9.98 2.84 2.01
CA ASP A 160 9.82 2.33 3.37
C ASP A 160 9.40 0.87 3.37
N LEU A 161 8.65 0.47 2.35
CA LEU A 161 8.26 -0.93 2.25
C LEU A 161 9.49 -1.79 1.94
N VAL A 162 10.35 -1.31 1.04
CA VAL A 162 11.62 -1.98 0.79
C VAL A 162 12.46 -2.08 2.06
N ARG A 163 12.49 -1.01 2.85
CA ARG A 163 13.22 -1.04 4.12
C ARG A 163 12.67 -2.10 5.08
N GLN A 164 11.33 -2.25 5.13
CA GLN A 164 10.71 -3.27 5.97
C GLN A 164 11.09 -4.67 5.50
N ILE A 165 11.25 -4.85 4.18
CA ILE A 165 11.67 -6.13 3.61
C ILE A 165 13.13 -6.46 3.87
N ASN A 166 14.02 -5.50 3.70
CA ASN A 166 15.45 -5.76 3.88
C ASN A 166 16.02 -5.24 5.20
N ARG A 167 15.13 -5.06 6.18
CA ARG A 167 15.50 -4.57 7.50
C ARG A 167 16.68 -5.35 8.05
#